data_3WJ1
#
_entry.id   3WJ1
#
_cell.length_a   58.403
_cell.length_b   71.942
_cell.length_c   137.332
_cell.angle_alpha   90.00
_cell.angle_beta   90.00
_cell.angle_gamma   90.00
#
_symmetry.space_group_name_H-M   'I 2 2 2'
#
loop_
_entity.id
_entity.type
_entity.pdbx_description
1 polymer Carboxylesterase
2 non-polymer 'octyl beta-D-glucopyranoside'
3 water water
#
_entity_poly.entity_id   1
_entity_poly.type   'polypeptide(L)'
_entity_poly.pdbx_seq_one_letter_code
;MPLDPRIKKLLESGFVVPIGKASVDEVRKIFRQLASAAPKAEVRKVEDIKIPGSETSINARVYFPKAKGPYGVLVYLHGG
GFVIGDVESYDPLCRAITNACNCVVVSVDYRLAPEYKFPSAVIDSFDATNWIYNNLDKFDGEMGIAIAGDSAGGNLAAVV
ALLSKGKLDLKYQILIYPAVGFDSVSRSMIEYSDGFFLTREHIEWFGSQYLRSPADLLDFRFSPIIAQDLSGLPPALIIT
AEYDPLRDQGEAYANRLLQAGVPVTSVRFNNVIHGFLSFFPLIDQGKDAIGLIGSVLRRTFYDKS
;
_entity_poly.pdbx_strand_id   A
#
loop_
_chem_comp.id
_chem_comp.type
_chem_comp.name
_chem_comp.formula
BOG D-saccharide 'octyl beta-D-glucopyranoside' 'C14 H28 O6'
#
# COMPACT_ATOMS: atom_id res chain seq x y z
N PRO A 2 4.18 -21.92 -12.07
CA PRO A 2 3.06 -21.34 -12.80
C PRO A 2 2.09 -20.66 -11.88
N LEU A 3 1.17 -19.88 -12.45
CA LEU A 3 0.09 -19.32 -11.67
C LEU A 3 -0.75 -20.41 -11.04
N ASP A 4 -1.28 -20.11 -9.86
CA ASP A 4 -2.35 -20.89 -9.28
C ASP A 4 -3.45 -21.01 -10.35
N PRO A 5 -3.93 -22.22 -10.63
CA PRO A 5 -4.97 -22.34 -11.66
C PRO A 5 -6.20 -21.47 -11.42
N ARG A 6 -6.52 -21.18 -10.17
CA ARG A 6 -7.64 -20.31 -9.85
C ARG A 6 -7.40 -18.95 -10.46
N ILE A 7 -6.18 -18.45 -10.38
CA ILE A 7 -5.86 -17.11 -10.89
C ILE A 7 -5.81 -17.11 -12.41
N LYS A 8 -5.25 -18.16 -13.01
CA LYS A 8 -5.22 -18.28 -14.46
C LYS A 8 -6.65 -18.24 -14.99
N LYS A 9 -7.53 -19.01 -14.37
CA LYS A 9 -8.96 -19.05 -14.74
C LYS A 9 -9.56 -17.65 -14.70
N LEU A 10 -9.32 -16.94 -13.61
CA LEU A 10 -9.82 -15.59 -13.45
C LEU A 10 -9.33 -14.66 -14.57
N LEU A 11 -8.03 -14.68 -14.82
CA LEU A 11 -7.44 -13.81 -15.83
C LEU A 11 -8.00 -14.12 -17.21
N GLU A 12 -8.15 -15.40 -17.52
CA GLU A 12 -8.66 -15.84 -18.82
C GLU A 12 -10.11 -15.42 -19.06
N SER A 13 -10.83 -15.08 -17.99
CA SER A 13 -12.23 -14.69 -18.10
C SER A 13 -12.44 -13.17 -18.25
N GLY A 14 -11.36 -12.41 -18.41
CA GLY A 14 -11.42 -10.95 -18.61
C GLY A 14 -11.59 -10.15 -17.33
N PHE A 15 -10.63 -10.28 -16.41
CA PHE A 15 -10.71 -9.67 -15.08
C PHE A 15 -10.16 -8.20 -15.02
N VAL A 16 -9.67 -7.75 -16.17
CA VAL A 16 -9.03 -6.46 -16.41
C VAL A 16 -9.61 -5.19 -15.77
N VAL A 17 -8.71 -4.22 -15.54
CA VAL A 17 -9.07 -2.81 -15.47
C VAL A 17 -8.43 -2.15 -16.69
N PRO A 18 -9.24 -1.55 -17.58
CA PRO A 18 -8.74 -1.06 -18.89
C PRO A 18 -7.96 0.26 -18.83
N ILE A 19 -6.92 0.27 -18.00
CA ILE A 19 -6.09 1.43 -17.78
C ILE A 19 -5.51 1.92 -19.11
N GLY A 20 -5.69 3.21 -19.38
CA GLY A 20 -5.15 3.83 -20.58
C GLY A 20 -5.94 3.54 -21.86
N LYS A 21 -7.01 2.76 -21.72
CA LYS A 21 -7.87 2.40 -22.86
C LYS A 21 -9.33 2.81 -22.61
N ALA A 22 -9.55 3.59 -21.55
CA ALA A 22 -10.87 4.12 -21.22
C ALA A 22 -10.66 5.41 -20.46
N SER A 23 -11.73 6.16 -20.24
CA SER A 23 -11.62 7.42 -19.50
C SER A 23 -11.17 7.17 -18.08
N VAL A 24 -10.61 8.21 -17.45
CA VAL A 24 -10.26 8.11 -16.04
C VAL A 24 -11.47 7.76 -15.19
N ASP A 25 -12.61 8.40 -15.44
CA ASP A 25 -13.83 8.09 -14.71
C ASP A 25 -14.22 6.62 -14.85
N GLU A 26 -14.13 6.09 -16.05
CA GLU A 26 -14.55 4.71 -16.30
C GLU A 26 -13.62 3.71 -15.64
N VAL A 27 -12.31 3.94 -15.72
CA VAL A 27 -11.37 3.03 -15.06
C VAL A 27 -11.51 3.08 -13.53
N ARG A 28 -11.74 4.27 -12.98
CA ARG A 28 -12.03 4.38 -11.55
C ARG A 28 -13.27 3.58 -11.19
N LYS A 29 -14.33 3.69 -12.00
CA LYS A 29 -15.57 2.96 -11.72
C LYS A 29 -15.39 1.44 -11.77
N ILE A 30 -14.67 0.97 -12.79
CA ILE A 30 -14.41 -0.45 -12.93
C ILE A 30 -13.63 -0.99 -11.74
N PHE A 31 -12.57 -0.27 -11.36
CA PHE A 31 -11.81 -0.69 -10.21
C PHE A 31 -12.68 -0.69 -8.94
N ARG A 32 -13.49 0.33 -8.74
CA ARG A 32 -14.35 0.37 -7.55
C ARG A 32 -15.22 -0.86 -7.44
N GLN A 33 -15.81 -1.28 -8.56
CA GLN A 33 -16.72 -2.41 -8.53
C GLN A 33 -15.94 -3.71 -8.29
N LEU A 34 -14.77 -3.87 -8.91
CA LEU A 34 -13.96 -5.05 -8.63
C LEU A 34 -13.50 -5.16 -7.16
N ALA A 35 -13.01 -4.06 -6.61
CA ALA A 35 -12.41 -4.13 -5.29
C ALA A 35 -13.49 -4.15 -4.20
N SER A 36 -14.55 -3.36 -4.38
CA SER A 36 -15.54 -3.19 -3.33
C SER A 36 -16.51 -4.37 -3.24
N ALA A 37 -16.44 -5.31 -4.17
CA ALA A 37 -17.31 -6.48 -4.15
C ALA A 37 -16.98 -7.48 -3.04
N ALA A 38 -15.76 -7.40 -2.51
CA ALA A 38 -15.35 -8.31 -1.45
C ALA A 38 -16.16 -8.07 -0.18
N PRO A 39 -16.35 -9.12 0.62
CA PRO A 39 -17.13 -8.96 1.84
C PRO A 39 -16.52 -7.96 2.80
N LYS A 40 -17.38 -7.19 3.45
CA LYS A 40 -16.98 -6.24 4.48
C LYS A 40 -17.15 -6.90 5.83
N ALA A 41 -16.07 -7.38 6.39
CA ALA A 41 -16.13 -8.02 7.70
C ALA A 41 -16.46 -6.99 8.76
N GLU A 42 -17.23 -7.40 9.76
CA GLU A 42 -17.57 -6.52 10.85
C GLU A 42 -16.31 -6.06 11.58
N VAL A 43 -16.30 -4.79 11.95
CA VAL A 43 -15.35 -4.28 12.93
C VAL A 43 -16.21 -3.67 14.05
N ARG A 44 -15.57 -3.13 15.07
CA ARG A 44 -16.31 -2.54 16.19
C ARG A 44 -16.96 -1.22 15.82
N LYS A 45 -16.21 -0.35 15.15
CA LYS A 45 -16.66 0.99 14.81
C LYS A 45 -15.90 1.50 13.60
N VAL A 46 -16.58 2.31 12.79
CA VAL A 46 -15.98 2.98 11.65
C VAL A 46 -16.35 4.45 11.72
N GLU A 47 -15.37 5.32 11.53
CA GLU A 47 -15.54 6.77 11.57
C GLU A 47 -14.89 7.38 10.35
N ASP A 48 -15.56 8.32 9.70
CA ASP A 48 -14.89 9.16 8.72
C ASP A 48 -14.46 10.45 9.37
N ILE A 49 -13.21 10.84 9.14
CA ILE A 49 -12.62 12.03 9.73
C ILE A 49 -12.02 12.90 8.64
N LYS A 50 -11.71 14.14 8.99
CA LYS A 50 -11.04 15.07 8.11
C LYS A 50 -9.75 15.48 8.80
N ILE A 51 -8.62 15.24 8.14
CA ILE A 51 -7.32 15.58 8.66
C ILE A 51 -6.86 16.87 8.02
N PRO A 52 -6.47 17.87 8.83
CA PRO A 52 -6.03 19.15 8.25
C PRO A 52 -4.63 19.11 7.65
N GLY A 53 -4.55 18.83 6.36
CA GLY A 53 -3.28 18.74 5.68
C GLY A 53 -2.72 20.11 5.32
N SER A 54 -1.48 20.13 4.88
CA SER A 54 -0.84 21.40 4.53
C SER A 54 -1.43 22.00 3.27
N GLU A 55 -1.97 21.16 2.40
CA GLU A 55 -2.46 21.59 1.10
C GLU A 55 -3.93 21.31 0.86
N THR A 56 -4.52 20.51 1.72
CA THR A 56 -5.92 20.12 1.57
C THR A 56 -6.46 19.51 2.85
N SER A 57 -7.78 19.52 2.99
CA SER A 57 -8.47 18.74 4.00
C SER A 57 -8.50 17.30 3.50
N ILE A 58 -7.87 16.39 4.26
CA ILE A 58 -7.69 14.99 3.84
C ILE A 58 -8.75 14.09 4.47
N ASN A 59 -9.57 13.44 3.65
CA ASN A 59 -10.54 12.49 4.17
C ASN A 59 -9.80 11.22 4.60
N ALA A 60 -10.22 10.63 5.69
CA ALA A 60 -9.70 9.35 6.11
C ALA A 60 -10.78 8.55 6.80
N ARG A 61 -10.71 7.25 6.66
CA ARG A 61 -11.62 6.37 7.36
C ARG A 61 -10.88 5.60 8.43
N VAL A 62 -11.49 5.56 9.62
CA VAL A 62 -10.89 4.96 10.82
C VAL A 62 -11.68 3.72 11.18
N TYR A 63 -11.00 2.58 11.29
CA TYR A 63 -11.60 1.30 11.63
C TYR A 63 -11.11 0.90 13.02
N PHE A 64 -12.02 0.61 13.94
CA PHE A 64 -11.66 0.14 15.27
C PHE A 64 -11.92 -1.35 15.41
N PRO A 65 -11.01 -2.10 16.01
CA PRO A 65 -11.17 -3.53 16.19
C PRO A 65 -12.05 -3.85 17.39
N LYS A 66 -12.56 -5.07 17.42
CA LYS A 66 -13.44 -5.52 18.50
C LYS A 66 -12.69 -5.69 19.80
N ALA A 67 -11.42 -6.07 19.69
CA ALA A 67 -10.53 -6.21 20.84
C ALA A 67 -10.48 -4.91 21.61
N LYS A 68 -10.25 -4.97 22.93
CA LYS A 68 -10.21 -3.75 23.72
C LYS A 68 -8.84 -3.11 23.55
N GLY A 69 -8.79 -1.81 23.81
CA GLY A 69 -7.56 -1.06 23.67
C GLY A 69 -6.63 -1.30 24.84
N PRO A 70 -5.48 -0.64 24.86
CA PRO A 70 -4.99 0.32 23.89
C PRO A 70 -4.57 -0.34 22.58
N TYR A 71 -4.54 0.45 21.52
CA TYR A 71 -4.20 -0.04 20.19
C TYR A 71 -2.92 0.55 19.65
N GLY A 72 -2.36 -0.11 18.66
CA GLY A 72 -1.52 0.57 17.70
C GLY A 72 -2.40 1.05 16.57
N VAL A 73 -1.89 2.00 15.80
CA VAL A 73 -2.59 2.61 14.66
C VAL A 73 -1.78 2.36 13.40
N LEU A 74 -2.43 1.70 12.45
CA LEU A 74 -1.84 1.50 11.13
C LEU A 74 -2.42 2.49 10.15
N VAL A 75 -1.57 3.37 9.65
CA VAL A 75 -1.91 4.25 8.56
C VAL A 75 -1.83 3.45 7.27
N TYR A 76 -2.95 3.41 6.52
CA TYR A 76 -3.02 2.62 5.29
C TYR A 76 -3.19 3.52 4.08
N LEU A 77 -2.35 3.30 3.08
CA LEU A 77 -2.35 4.07 1.85
C LEU A 77 -2.69 3.15 0.70
N HIS A 78 -3.86 3.35 0.12
CA HIS A 78 -4.34 2.47 -0.94
C HIS A 78 -3.51 2.55 -2.20
N GLY A 79 -3.55 1.48 -2.98
CA GLY A 79 -2.98 1.49 -4.32
C GLY A 79 -3.96 1.92 -5.39
N GLY A 80 -3.52 1.77 -6.63
CA GLY A 80 -4.25 2.29 -7.78
C GLY A 80 -3.45 3.20 -8.68
N GLY A 81 -2.12 3.03 -8.69
CA GLY A 81 -1.27 3.72 -9.66
C GLY A 81 -1.22 5.24 -9.52
N PHE A 82 -1.56 5.73 -8.33
CA PHE A 82 -1.65 7.16 -8.03
C PHE A 82 -2.83 7.84 -8.69
N VAL A 83 -3.67 7.06 -9.34
CA VAL A 83 -4.75 7.59 -10.16
C VAL A 83 -6.12 7.05 -9.77
N ILE A 84 -6.21 5.76 -9.47
CA ILE A 84 -7.48 5.13 -9.16
C ILE A 84 -7.46 4.58 -7.73
N GLY A 85 -8.53 3.96 -7.32
CA GLY A 85 -8.69 3.56 -5.92
C GLY A 85 -9.10 4.73 -5.07
N ASP A 86 -9.48 4.41 -3.84
CA ASP A 86 -9.92 5.37 -2.86
C ASP A 86 -10.14 4.59 -1.57
N VAL A 87 -10.50 5.29 -0.51
CA VAL A 87 -10.74 4.66 0.77
C VAL A 87 -11.92 3.67 0.70
N GLU A 88 -12.95 4.03 -0.04
CA GLU A 88 -14.16 3.24 -0.03
C GLU A 88 -14.01 1.91 -0.77
N SER A 89 -13.27 1.91 -1.87
CA SER A 89 -12.99 0.67 -2.62
C SER A 89 -12.09 -0.26 -1.82
N TYR A 90 -11.28 0.31 -0.92
CA TYR A 90 -10.38 -0.47 -0.06
C TYR A 90 -10.99 -0.85 1.28
N ASP A 91 -12.25 -0.52 1.48
CA ASP A 91 -12.93 -0.82 2.73
C ASP A 91 -12.88 -2.31 3.09
N PRO A 92 -13.22 -3.20 2.16
CA PRO A 92 -13.12 -4.62 2.54
C PRO A 92 -11.73 -5.04 2.98
N LEU A 93 -10.70 -4.61 2.26
CA LEU A 93 -9.35 -4.97 2.64
C LEU A 93 -8.97 -4.35 3.99
N CYS A 94 -9.29 -3.08 4.20
CA CYS A 94 -8.94 -2.44 5.47
C CYS A 94 -9.67 -3.08 6.66
N ARG A 95 -10.91 -3.51 6.46
CA ARG A 95 -11.62 -4.23 7.52
C ARG A 95 -10.91 -5.57 7.81
N ALA A 96 -10.48 -6.30 6.79
CA ALA A 96 -9.80 -7.55 6.96
C ALA A 96 -8.49 -7.33 7.74
N ILE A 97 -7.78 -6.28 7.37
CA ILE A 97 -6.52 -5.96 8.08
C ILE A 97 -6.78 -5.62 9.53
N THR A 98 -7.78 -4.77 9.78
CA THR A 98 -8.16 -4.39 11.14
C THR A 98 -8.37 -5.62 11.99
N ASN A 99 -9.16 -6.56 11.50
CA ASN A 99 -9.44 -7.77 12.24
C ASN A 99 -8.24 -8.69 12.41
N ALA A 100 -7.35 -8.74 11.42
CA ALA A 100 -6.13 -9.53 11.56
C ALA A 100 -5.19 -8.97 12.60
N CYS A 101 -5.09 -7.65 12.66
CA CYS A 101 -4.02 -7.02 13.49
C CYS A 101 -4.51 -6.59 14.85
N ASN A 102 -5.82 -6.61 15.08
CA ASN A 102 -6.40 -6.07 16.31
C ASN A 102 -5.88 -4.68 16.58
N CYS A 103 -5.83 -3.86 15.54
CA CYS A 103 -5.42 -2.49 15.70
C CYS A 103 -6.34 -1.56 14.96
N VAL A 104 -6.20 -0.28 15.24
CA VAL A 104 -6.91 0.75 14.52
C VAL A 104 -6.23 0.93 13.19
N VAL A 105 -7.03 1.00 12.13
CA VAL A 105 -6.52 1.27 10.77
C VAL A 105 -7.10 2.62 10.35
N VAL A 106 -6.26 3.51 9.81
CA VAL A 106 -6.69 4.80 9.30
C VAL A 106 -6.30 4.81 7.82
N SER A 107 -7.31 4.66 6.98
CA SER A 107 -7.10 4.63 5.54
C SER A 107 -7.24 6.02 4.97
N VAL A 108 -6.22 6.48 4.24
CA VAL A 108 -6.10 7.90 3.84
C VAL A 108 -6.47 8.12 2.38
N ASP A 109 -7.34 9.08 2.13
CA ASP A 109 -7.75 9.46 0.78
C ASP A 109 -6.80 10.55 0.31
N TYR A 110 -5.57 10.18 -0.06
CA TYR A 110 -4.64 11.15 -0.59
C TYR A 110 -5.09 11.64 -1.97
N ARG A 111 -4.65 12.83 -2.34
CA ARG A 111 -5.03 13.39 -3.63
C ARG A 111 -4.46 12.58 -4.78
N LEU A 112 -5.29 12.42 -5.80
CA LEU A 112 -5.01 11.59 -6.94
C LEU A 112 -4.67 12.38 -8.19
N ALA A 113 -3.78 11.78 -8.97
CA ALA A 113 -3.49 12.22 -10.32
C ALA A 113 -4.61 11.72 -11.28
N PRO A 114 -4.78 12.35 -12.45
CA PRO A 114 -4.07 13.51 -12.98
C PRO A 114 -4.45 14.86 -12.40
N GLU A 115 -5.55 14.92 -11.64
CA GLU A 115 -6.02 16.19 -11.09
C GLU A 115 -4.93 16.82 -10.19
N TYR A 116 -4.25 15.99 -9.42
CA TYR A 116 -3.20 16.46 -8.53
C TYR A 116 -1.98 15.60 -8.80
N LYS A 117 -0.97 16.19 -9.43
CA LYS A 117 0.22 15.45 -9.76
C LYS A 117 1.17 15.33 -8.59
N PHE A 118 2.12 14.43 -8.78
CA PHE A 118 3.23 14.32 -7.86
C PHE A 118 3.76 15.71 -7.56
N PRO A 119 4.15 16.00 -6.30
CA PRO A 119 4.14 15.14 -5.13
C PRO A 119 2.91 15.24 -4.22
N SER A 120 1.76 15.60 -4.78
CA SER A 120 0.57 15.78 -3.96
C SER A 120 0.25 14.58 -3.08
N ALA A 121 0.29 13.38 -3.65
CA ALA A 121 -0.03 12.17 -2.89
C ALA A 121 0.95 11.96 -1.72
N VAL A 122 2.23 12.27 -1.94
CA VAL A 122 3.22 12.17 -0.92
C VAL A 122 2.99 13.17 0.21
N ILE A 123 2.72 14.41 -0.16
CA ILE A 123 2.45 15.44 0.83
C ILE A 123 1.27 15.04 1.71
N ASP A 124 0.18 14.61 1.08
CA ASP A 124 -1.03 14.24 1.83
C ASP A 124 -0.75 13.04 2.72
N SER A 125 -0.03 12.07 2.19
CA SER A 125 0.25 10.88 2.96
C SER A 125 1.13 11.19 4.18
N PHE A 126 2.13 12.01 3.98
CA PHE A 126 2.97 12.42 5.07
C PHE A 126 2.21 13.27 6.10
N ASP A 127 1.45 14.26 5.62
CA ASP A 127 0.71 15.13 6.52
C ASP A 127 -0.28 14.32 7.34
N ALA A 128 -0.93 13.33 6.72
CA ALA A 128 -1.88 12.50 7.45
C ALA A 128 -1.17 11.69 8.54
N THR A 129 -0.03 11.11 8.17
CA THR A 129 0.71 10.29 9.10
C THR A 129 1.19 11.15 10.30
N ASN A 130 1.69 12.34 10.01
CA ASN A 130 2.14 13.27 11.04
C ASN A 130 0.98 13.61 11.98
N TRP A 131 -0.18 13.93 11.42
CA TRP A 131 -1.32 14.28 12.25
C TRP A 131 -1.76 13.11 13.10
N ILE A 132 -1.81 11.93 12.50
CA ILE A 132 -2.24 10.77 13.27
C ILE A 132 -1.28 10.50 14.44
N TYR A 133 0.01 10.58 14.18
CA TYR A 133 1.02 10.43 15.25
C TYR A 133 0.77 11.39 16.41
N ASN A 134 0.43 12.62 16.08
CA ASN A 134 0.21 13.64 17.10
C ASN A 134 -1.16 13.59 17.73
N ASN A 135 -2.02 12.71 17.23
CA ASN A 135 -3.38 12.55 17.72
C ASN A 135 -3.76 11.12 18.03
N LEU A 136 -2.76 10.30 18.37
CA LEU A 136 -3.00 8.91 18.71
C LEU A 136 -3.97 8.76 19.85
N ASP A 137 -3.95 9.72 20.76
CA ASP A 137 -4.85 9.69 21.91
C ASP A 137 -6.33 9.65 21.48
N LYS A 138 -6.66 10.23 20.33
CA LYS A 138 -8.03 10.23 19.84
C LYS A 138 -8.56 8.86 19.48
N PHE A 139 -7.65 7.90 19.27
CA PHE A 139 -8.02 6.55 18.84
C PHE A 139 -7.70 5.50 19.89
N ASP A 140 -7.37 5.95 21.10
CA ASP A 140 -6.80 5.10 22.14
C ASP A 140 -5.61 4.32 21.53
N GLY A 141 -4.79 5.04 20.78
CA GLY A 141 -3.77 4.41 19.94
C GLY A 141 -2.37 4.57 20.45
N GLU A 142 -2.21 4.52 21.76
CA GLU A 142 -0.94 4.85 22.37
C GLU A 142 0.16 3.82 22.14
N MET A 143 -0.18 2.65 21.61
CA MET A 143 0.85 1.66 21.32
C MET A 143 1.68 2.04 20.11
N GLY A 144 1.26 3.05 19.35
CA GLY A 144 2.11 3.68 18.38
C GLY A 144 1.55 3.61 16.99
N ILE A 145 2.38 3.94 16.02
CA ILE A 145 1.96 4.13 14.64
C ILE A 145 2.83 3.31 13.74
N ALA A 146 2.20 2.72 12.74
CA ALA A 146 2.87 2.01 11.64
C ALA A 146 2.25 2.51 10.34
N ILE A 147 2.91 2.21 9.23
CA ILE A 147 2.45 2.65 7.94
C ILE A 147 2.45 1.45 7.01
N ALA A 148 1.47 1.42 6.11
CA ALA A 148 1.31 0.32 5.17
C ALA A 148 0.71 0.84 3.90
N GLY A 149 0.98 0.14 2.81
CA GLY A 149 0.25 0.44 1.59
C GLY A 149 0.59 -0.58 0.53
N ASP A 150 -0.28 -0.66 -0.48
CA ASP A 150 -0.10 -1.61 -1.58
C ASP A 150 0.16 -0.91 -2.90
N SER A 151 1.17 -1.40 -3.61
CA SER A 151 1.48 -0.95 -4.94
C SER A 151 1.89 0.54 -4.92
N ALA A 152 1.17 1.44 -5.59
CA ALA A 152 1.43 2.87 -5.48
C ALA A 152 1.35 3.31 -4.01
N GLY A 153 0.45 2.69 -3.24
CA GLY A 153 0.37 3.00 -1.80
C GLY A 153 1.57 2.49 -1.03
N GLY A 154 2.19 1.41 -1.49
CA GLY A 154 3.43 0.92 -0.91
C GLY A 154 4.60 1.86 -1.22
N ASN A 155 4.59 2.44 -2.42
CA ASN A 155 5.53 3.51 -2.75
C ASN A 155 5.37 4.66 -1.75
N LEU A 156 4.14 5.11 -1.59
CA LEU A 156 3.87 6.20 -0.66
C LEU A 156 4.27 5.85 0.75
N ALA A 157 4.00 4.63 1.19
CA ALA A 157 4.37 4.21 2.55
C ALA A 157 5.88 4.24 2.74
N ALA A 158 6.60 3.72 1.76
CA ALA A 158 8.06 3.70 1.86
C ALA A 158 8.59 5.12 1.92
N VAL A 159 8.03 5.99 1.12
CA VAL A 159 8.45 7.40 1.07
C VAL A 159 8.12 8.12 2.37
N VAL A 160 6.93 7.91 2.88
CA VAL A 160 6.55 8.48 4.18
C VAL A 160 7.52 8.02 5.26
N ALA A 161 7.93 6.76 5.25
CA ALA A 161 8.88 6.27 6.25
C ALA A 161 10.19 7.03 6.14
N LEU A 162 10.69 7.25 4.92
CA LEU A 162 11.89 8.09 4.71
C LEU A 162 11.69 9.51 5.24
N LEU A 163 10.59 10.13 4.87
CA LEU A 163 10.33 11.52 5.29
C LEU A 163 10.11 11.66 6.80
N SER A 164 9.73 10.57 7.45
CA SER A 164 9.40 10.58 8.88
C SER A 164 10.61 10.43 9.77
N LYS A 165 11.75 10.05 9.19
CA LYS A 165 13.00 9.88 9.93
C LYS A 165 13.35 11.09 10.76
N GLY A 166 13.47 10.88 12.06
CA GLY A 166 13.82 11.94 13.00
C GLY A 166 12.73 12.99 13.12
N LYS A 167 11.48 12.53 13.02
CA LYS A 167 10.32 13.37 13.30
C LYS A 167 9.28 12.54 14.03
N LEU A 168 8.77 11.54 13.34
CA LEU A 168 7.78 10.63 13.90
C LEU A 168 8.55 9.44 14.35
N ASP A 169 7.88 8.62 15.15
CA ASP A 169 8.42 7.34 15.59
C ASP A 169 7.55 6.26 14.98
N LEU A 170 7.71 6.02 13.68
CA LEU A 170 7.02 4.89 13.07
C LEU A 170 7.60 3.58 13.59
N LYS A 171 6.74 2.67 14.04
CA LYS A 171 7.18 1.38 14.55
C LYS A 171 7.45 0.35 13.47
N TYR A 172 6.80 0.51 12.32
CA TYR A 172 6.84 -0.55 11.32
C TYR A 172 6.38 0.03 9.98
N GLN A 173 6.86 -0.55 8.89
CA GLN A 173 6.41 -0.24 7.53
C GLN A 173 6.09 -1.53 6.83
N ILE A 174 4.91 -1.58 6.24
CA ILE A 174 4.45 -2.75 5.50
C ILE A 174 4.26 -2.34 4.04
N LEU A 175 5.04 -2.95 3.16
CA LEU A 175 5.05 -2.58 1.77
C LEU A 175 4.53 -3.79 1.00
N ILE A 176 3.34 -3.66 0.42
CA ILE A 176 2.64 -4.76 -0.20
C ILE A 176 2.78 -4.57 -1.70
N TYR A 177 3.54 -5.48 -2.33
CA TYR A 177 3.93 -5.38 -3.73
C TYR A 177 4.12 -3.92 -4.16
N PRO A 178 5.07 -3.22 -3.54
CA PRO A 178 5.26 -1.79 -3.78
C PRO A 178 5.93 -1.51 -5.12
N ALA A 179 5.67 -0.31 -5.64
CA ALA A 179 6.54 0.30 -6.64
C ALA A 179 7.57 1.11 -5.86
N VAL A 180 8.84 0.99 -6.20
CA VAL A 180 9.88 1.73 -5.47
C VAL A 180 10.72 2.67 -6.32
N GLY A 181 10.34 2.83 -7.58
CA GLY A 181 10.98 3.78 -8.49
C GLY A 181 10.75 3.40 -9.92
N PHE A 182 11.67 3.85 -10.77
CA PHE A 182 11.62 3.64 -12.22
C PHE A 182 12.43 2.38 -12.50
N ASP A 183 11.89 1.49 -13.32
CA ASP A 183 12.52 0.21 -13.61
C ASP A 183 12.27 -0.12 -15.07
N SER A 184 13.33 -0.07 -15.87
CA SER A 184 13.25 -0.47 -17.27
C SER A 184 14.10 -1.70 -17.54
N VAL A 185 14.62 -2.34 -16.48
CA VAL A 185 15.65 -3.36 -16.65
C VAL A 185 15.41 -4.70 -15.94
N SER A 186 14.59 -4.77 -14.90
CA SER A 186 14.52 -5.99 -14.13
C SER A 186 13.87 -7.11 -14.92
N ARG A 187 14.28 -8.33 -14.62
CA ARG A 187 13.69 -9.49 -15.27
C ARG A 187 12.19 -9.57 -15.06
N SER A 188 11.71 -9.31 -13.84
CA SER A 188 10.28 -9.45 -13.64
C SER A 188 9.50 -8.43 -14.44
N MET A 189 10.06 -7.22 -14.53
CA MET A 189 9.40 -6.16 -15.30
C MET A 189 9.22 -6.57 -16.76
N ILE A 190 10.27 -7.15 -17.32
CA ILE A 190 10.28 -7.56 -18.71
C ILE A 190 9.42 -8.82 -18.90
N GLU A 191 9.60 -9.80 -18.01
CA GLU A 191 8.96 -11.09 -18.19
C GLU A 191 7.46 -11.06 -17.99
N TYR A 192 7.00 -10.24 -17.03
CA TYR A 192 5.60 -10.15 -16.69
C TYR A 192 5.02 -8.83 -17.12
N SER A 193 5.56 -8.25 -18.18
CA SER A 193 5.07 -7.00 -18.74
C SER A 193 3.64 -7.09 -19.25
N ASP A 194 3.19 -8.27 -19.62
CA ASP A 194 1.84 -8.46 -20.14
C ASP A 194 1.22 -9.74 -19.64
N GLY A 195 -0.09 -9.69 -19.44
CA GLY A 195 -0.89 -10.87 -19.15
C GLY A 195 -1.10 -11.17 -17.68
N PHE A 196 -0.57 -10.33 -16.80
CA PHE A 196 -0.64 -10.61 -15.37
C PHE A 196 -1.30 -9.48 -14.59
N PHE A 197 -2.37 -8.94 -15.16
CA PHE A 197 -3.24 -7.97 -14.50
C PHE A 197 -2.66 -6.57 -14.46
N LEU A 198 -1.53 -6.39 -13.77
CA LEU A 198 -0.78 -5.15 -13.88
C LEU A 198 0.21 -5.33 -15.00
N THR A 199 0.13 -4.47 -16.01
CA THR A 199 0.99 -4.55 -17.17
C THR A 199 1.93 -3.37 -17.25
N ARG A 200 2.98 -3.53 -18.05
CA ARG A 200 3.90 -2.43 -18.31
C ARG A 200 3.19 -1.21 -18.90
N GLU A 201 2.27 -1.43 -19.83
CA GLU A 201 1.49 -0.34 -20.44
C GLU A 201 0.75 0.41 -19.35
N HIS A 202 0.18 -0.31 -18.40
CA HIS A 202 -0.52 0.37 -17.30
C HIS A 202 0.44 1.18 -16.46
N ILE A 203 1.57 0.58 -16.12
CA ILE A 203 2.58 1.22 -15.31
C ILE A 203 2.99 2.53 -15.97
N GLU A 204 3.28 2.47 -17.26
CA GLU A 204 3.71 3.66 -18.01
C GLU A 204 2.61 4.72 -18.01
N TRP A 205 1.37 4.30 -18.15
CA TRP A 205 0.25 5.23 -18.17
C TRP A 205 0.10 5.92 -16.82
N PHE A 206 0.14 5.14 -15.74
CA PHE A 206 0.12 5.73 -14.41
C PHE A 206 1.25 6.73 -14.21
N GLY A 207 2.45 6.38 -14.63
CA GLY A 207 3.60 7.27 -14.55
C GLY A 207 3.37 8.57 -15.30
N SER A 208 2.72 8.48 -16.47
CA SER A 208 2.44 9.65 -17.31
C SER A 208 1.42 10.59 -16.67
N GLN A 209 0.52 10.04 -15.88
CA GLN A 209 -0.53 10.85 -15.23
C GLN A 209 -0.02 11.49 -13.96
N TYR A 210 0.84 10.77 -13.25
CA TYR A 210 1.29 11.19 -11.92
C TYR A 210 2.45 12.13 -11.95
N LEU A 211 3.47 11.80 -12.75
CA LEU A 211 4.69 12.59 -12.71
C LEU A 211 4.54 13.80 -13.61
N ARG A 212 5.28 14.86 -13.28
CA ARG A 212 5.21 16.11 -14.02
C ARG A 212 6.22 16.18 -15.16
N SER A 213 7.39 15.57 -14.95
CA SER A 213 8.44 15.56 -15.93
C SER A 213 9.35 14.37 -15.64
N PRO A 214 10.23 14.01 -16.58
CA PRO A 214 11.17 12.93 -16.26
C PRO A 214 12.08 13.17 -15.04
N ALA A 215 12.35 14.41 -14.69
CA ALA A 215 13.15 14.70 -13.48
C ALA A 215 12.53 14.11 -12.22
N ASP A 216 11.21 14.04 -12.17
CA ASP A 216 10.52 13.45 -11.04
C ASP A 216 10.89 11.97 -10.82
N LEU A 217 11.31 11.29 -11.87
CA LEU A 217 11.77 9.90 -11.77
C LEU A 217 12.98 9.77 -10.83
N LEU A 218 13.75 10.84 -10.68
CA LEU A 218 14.98 10.84 -9.88
C LEU A 218 14.77 11.45 -8.49
N ASP A 219 13.54 11.85 -8.20
CA ASP A 219 13.17 12.38 -6.92
C ASP A 219 12.98 11.21 -5.96
N PHE A 220 13.64 11.22 -4.80
CA PHE A 220 13.52 10.08 -3.85
C PHE A 220 12.09 9.91 -3.35
N ARG A 221 11.25 10.94 -3.52
CA ARG A 221 9.85 10.86 -3.10
C ARG A 221 9.03 10.09 -4.10
N PHE A 222 9.58 9.79 -5.27
CA PHE A 222 9.01 8.83 -6.21
C PHE A 222 9.83 7.53 -6.26
N SER A 223 11.15 7.64 -6.13
CA SER A 223 12.04 6.50 -6.23
C SER A 223 12.79 6.35 -4.92
N PRO A 224 12.14 5.82 -3.88
CA PRO A 224 12.84 5.65 -2.61
C PRO A 224 14.06 4.74 -2.71
N ILE A 225 14.09 3.84 -3.70
CA ILE A 225 15.25 2.96 -3.91
C ILE A 225 16.56 3.75 -4.13
N ILE A 226 16.46 5.00 -4.58
CA ILE A 226 17.69 5.79 -4.77
C ILE A 226 17.91 6.81 -3.67
N ALA A 227 17.15 6.73 -2.58
CA ALA A 227 17.39 7.60 -1.43
C ALA A 227 18.84 7.45 -0.97
N GLN A 228 19.42 8.56 -0.52
CA GLN A 228 20.84 8.55 -0.16
C GLN A 228 21.12 7.67 1.06
N ASP A 229 20.21 7.66 2.02
CA ASP A 229 20.47 6.97 3.29
C ASP A 229 19.21 6.30 3.79
N LEU A 230 19.20 4.96 3.78
CA LEU A 230 18.04 4.19 4.25
C LEU A 230 18.19 3.73 5.68
N SER A 231 19.31 4.05 6.30
CA SER A 231 19.53 3.61 7.66
C SER A 231 18.56 4.30 8.59
N GLY A 232 18.20 3.61 9.66
CA GLY A 232 17.36 4.17 10.71
C GLY A 232 15.88 4.17 10.39
N LEU A 233 15.49 3.55 9.28
CA LEU A 233 14.07 3.45 8.95
C LEU A 233 13.41 2.36 9.78
N PRO A 234 12.06 2.36 9.82
CA PRO A 234 11.38 1.36 10.62
C PRO A 234 11.53 -0.05 10.07
N PRO A 235 11.49 -1.05 10.94
CA PRO A 235 11.46 -2.42 10.46
C PRO A 235 10.37 -2.61 9.43
N ALA A 236 10.61 -3.50 8.47
CA ALA A 236 9.74 -3.66 7.30
C ALA A 236 9.29 -5.08 7.15
N LEU A 237 8.06 -5.21 6.67
CA LEU A 237 7.54 -6.42 6.04
C LEU A 237 7.31 -6.05 4.58
N ILE A 238 7.94 -6.78 3.66
CA ILE A 238 7.78 -6.50 2.23
C ILE A 238 7.24 -7.76 1.59
N ILE A 239 6.05 -7.64 1.01
CA ILE A 239 5.40 -8.74 0.34
C ILE A 239 5.52 -8.51 -1.15
N THR A 240 6.02 -9.51 -1.87
CA THR A 240 6.02 -9.46 -3.33
C THR A 240 5.25 -10.65 -3.86
N ALA A 241 4.91 -10.57 -5.14
CA ALA A 241 4.17 -11.62 -5.83
C ALA A 241 5.05 -12.17 -6.95
N GLU A 242 5.04 -13.48 -7.09
CA GLU A 242 5.92 -14.15 -8.04
C GLU A 242 5.74 -13.64 -9.47
N TYR A 243 4.50 -13.44 -9.89
CA TYR A 243 4.21 -13.07 -11.28
C TYR A 243 3.86 -11.60 -11.44
N ASP A 244 4.57 -10.75 -10.72
CA ASP A 244 4.33 -9.30 -10.71
C ASP A 244 5.50 -8.60 -11.39
N PRO A 245 5.24 -7.73 -12.40
CA PRO A 245 6.37 -6.98 -12.94
C PRO A 245 7.18 -6.23 -11.87
N LEU A 246 6.51 -5.80 -10.80
CA LEU A 246 7.14 -5.04 -9.72
C LEU A 246 7.90 -5.93 -8.73
N ARG A 247 7.91 -7.24 -8.91
CA ARG A 247 8.49 -8.13 -7.94
C ARG A 247 9.95 -7.82 -7.66
N ASP A 248 10.75 -7.78 -8.70
CA ASP A 248 12.17 -7.65 -8.49
C ASP A 248 12.52 -6.33 -7.80
N GLN A 249 11.85 -5.24 -8.15
CA GLN A 249 12.19 -3.98 -7.53
C GLN A 249 11.80 -3.96 -6.06
N GLY A 250 10.71 -4.61 -5.68
CA GLY A 250 10.37 -4.72 -4.27
C GLY A 250 11.40 -5.52 -3.50
N GLU A 251 11.91 -6.60 -4.10
CA GLU A 251 12.92 -7.42 -3.46
C GLU A 251 14.24 -6.69 -3.41
N ALA A 252 14.50 -5.84 -4.39
CA ALA A 252 15.69 -4.99 -4.35
C ALA A 252 15.62 -4.01 -3.19
N TYR A 253 14.46 -3.40 -2.97
CA TYR A 253 14.32 -2.47 -1.88
C TYR A 253 14.52 -3.17 -0.54
N ALA A 254 13.95 -4.36 -0.37
CA ALA A 254 14.21 -5.17 0.80
C ALA A 254 15.70 -5.36 1.04
N ASN A 255 16.42 -5.77 -0.01
CA ASN A 255 17.86 -5.92 0.09
C ASN A 255 18.59 -4.62 0.47
N ARG A 256 18.21 -3.51 -0.11
CA ARG A 256 18.84 -2.23 0.21
C ARG A 256 18.58 -1.85 1.70
N LEU A 257 17.37 -2.07 2.19
CA LEU A 257 17.08 -1.81 3.59
C LEU A 257 17.90 -2.69 4.50
N LEU A 258 18.00 -3.97 4.15
CA LEU A 258 18.80 -4.90 4.95
C LEU A 258 20.25 -4.45 5.00
N GLN A 259 20.77 -4.01 3.87
CA GLN A 259 22.15 -3.54 3.79
C GLN A 259 22.38 -2.31 4.65
N ALA A 260 21.32 -1.51 4.85
CA ALA A 260 21.40 -0.32 5.69
C ALA A 260 21.11 -0.61 7.17
N GLY A 261 21.02 -1.89 7.54
CA GLY A 261 20.83 -2.33 8.91
C GLY A 261 19.41 -2.28 9.42
N VAL A 262 18.45 -2.11 8.50
CA VAL A 262 17.04 -2.07 8.85
C VAL A 262 16.52 -3.51 8.86
N PRO A 263 15.82 -3.93 9.91
CA PRO A 263 15.25 -5.26 9.87
C PRO A 263 14.21 -5.37 8.77
N VAL A 264 14.25 -6.43 8.00
CA VAL A 264 13.27 -6.66 6.94
C VAL A 264 12.90 -8.12 6.86
N THR A 265 11.60 -8.38 6.84
CA THR A 265 11.11 -9.69 6.42
C THR A 265 10.54 -9.53 5.03
N SER A 266 11.21 -10.13 4.05
CA SER A 266 10.85 -10.05 2.65
C SER A 266 10.28 -11.42 2.28
N VAL A 267 9.02 -11.45 1.82
CA VAL A 267 8.36 -12.70 1.48
C VAL A 267 7.75 -12.60 0.10
N ARG A 268 8.11 -13.54 -0.75
CA ARG A 268 7.52 -13.66 -2.07
C ARG A 268 6.41 -14.67 -1.98
N PHE A 269 5.19 -14.25 -2.31
CA PHE A 269 4.05 -15.15 -2.43
C PHE A 269 4.09 -15.72 -3.83
N ASN A 270 4.30 -17.02 -3.91
CA ASN A 270 4.42 -17.70 -5.18
C ASN A 270 3.06 -17.90 -5.80
N ASN A 271 3.07 -18.11 -7.11
CA ASN A 271 1.88 -18.52 -7.87
C ASN A 271 0.80 -17.46 -8.01
N VAL A 272 1.08 -16.24 -7.60
CA VAL A 272 0.04 -15.19 -7.58
C VAL A 272 0.54 -13.95 -8.30
N ILE A 273 -0.39 -13.03 -8.50
CA ILE A 273 -0.19 -11.81 -9.24
C ILE A 273 -0.19 -10.57 -8.35
N HIS A 274 0.27 -9.47 -8.94
CA HIS A 274 0.09 -8.15 -8.35
C HIS A 274 -1.37 -7.96 -7.96
N GLY A 275 -1.61 -7.32 -6.81
CA GLY A 275 -2.95 -6.96 -6.36
C GLY A 275 -3.69 -8.05 -5.63
N PHE A 276 -3.03 -9.18 -5.37
CA PHE A 276 -3.74 -10.37 -4.88
C PHE A 276 -4.43 -10.18 -3.55
N LEU A 277 -3.96 -9.27 -2.68
CA LEU A 277 -4.66 -9.04 -1.41
C LEU A 277 -6.03 -8.41 -1.64
N SER A 278 -6.18 -7.62 -2.69
CA SER A 278 -7.49 -6.99 -2.96
C SER A 278 -8.53 -8.01 -3.35
N PHE A 279 -8.09 -9.18 -3.76
CA PHE A 279 -8.98 -10.23 -4.24
C PHE A 279 -8.92 -11.45 -3.30
N PHE A 280 -8.75 -11.18 -2.01
CA PHE A 280 -8.73 -12.21 -0.96
C PHE A 280 -9.92 -13.18 -0.90
N PRO A 281 -11.12 -12.73 -1.27
CA PRO A 281 -12.19 -13.72 -1.16
C PRO A 281 -12.03 -14.89 -2.12
N LEU A 282 -11.45 -14.61 -3.28
CA LEU A 282 -11.22 -15.58 -4.34
C LEU A 282 -9.89 -16.25 -4.11
N ILE A 283 -8.85 -15.39 -4.01
CA ILE A 283 -7.44 -15.82 -3.91
C ILE A 283 -7.06 -16.05 -2.45
N ASP A 284 -7.05 -17.31 -2.03
CA ASP A 284 -6.78 -17.70 -0.65
C ASP A 284 -5.44 -17.17 -0.06
N GLN A 285 -4.43 -17.13 -0.93
CA GLN A 285 -3.13 -16.63 -0.55
C GLN A 285 -3.26 -15.20 -0.04
N GLY A 286 -4.24 -14.46 -0.55
CA GLY A 286 -4.42 -13.08 -0.07
C GLY A 286 -4.84 -13.05 1.38
N LYS A 287 -5.71 -13.97 1.78
CA LYS A 287 -6.07 -14.09 3.20
C LYS A 287 -4.84 -14.38 4.05
N ASP A 288 -3.96 -15.24 3.56
CA ASP A 288 -2.78 -15.60 4.30
C ASP A 288 -1.76 -14.45 4.39
N ALA A 289 -1.65 -13.64 3.33
CA ALA A 289 -0.84 -12.42 3.39
C ALA A 289 -1.39 -11.44 4.44
N ILE A 290 -2.69 -11.29 4.48
CA ILE A 290 -3.33 -10.45 5.49
C ILE A 290 -3.01 -11.02 6.89
N GLY A 291 -3.02 -12.35 7.04
CA GLY A 291 -2.67 -12.95 8.32
C GLY A 291 -1.23 -12.68 8.67
N LEU A 292 -0.35 -12.67 7.69
CA LEU A 292 1.06 -12.38 7.97
C LEU A 292 1.22 -10.92 8.44
N ILE A 293 0.55 -9.99 7.78
CA ILE A 293 0.50 -8.61 8.24
C ILE A 293 -0.01 -8.55 9.69
N GLY A 294 -1.08 -9.27 9.98
CA GLY A 294 -1.60 -9.34 11.34
C GLY A 294 -0.56 -9.76 12.34
N SER A 295 0.13 -10.87 12.06
CA SER A 295 1.21 -11.34 12.93
C SER A 295 2.26 -10.29 13.23
N VAL A 296 2.77 -9.64 12.20
CA VAL A 296 3.90 -8.74 12.42
C VAL A 296 3.43 -7.54 13.23
N LEU A 297 2.21 -7.08 12.99
CA LEU A 297 1.71 -5.92 13.73
C LEU A 297 1.30 -6.25 15.17
N ARG A 298 0.70 -7.41 15.39
CA ARG A 298 0.44 -7.83 16.78
C ARG A 298 1.73 -7.95 17.57
N ARG A 299 2.78 -8.44 16.94
CA ARG A 299 4.06 -8.55 17.64
C ARG A 299 4.64 -7.19 17.97
N THR A 300 4.66 -6.30 16.98
CA THR A 300 5.33 -5.01 17.15
CA THR A 300 5.30 -5.00 17.14
C THR A 300 4.56 -4.12 18.13
N PHE A 301 3.24 -4.12 18.05
CA PHE A 301 2.44 -3.26 18.92
C PHE A 301 2.20 -3.83 20.29
N TYR A 302 1.97 -5.14 20.39
CA TYR A 302 1.48 -5.75 21.63
C TYR A 302 2.42 -6.76 22.25
N ASP A 303 3.47 -7.15 21.53
CA ASP A 303 4.32 -8.27 21.93
C ASP A 303 3.43 -9.47 22.19
N LYS A 304 2.45 -9.65 21.31
CA LYS A 304 1.56 -10.80 21.37
C LYS A 304 1.75 -11.64 20.12
N SER A 305 1.47 -12.93 20.25
CA SER A 305 1.48 -13.85 19.11
C SER A 305 0.25 -13.56 18.26
C1 BOG B . 7.31 6.58 -16.44
O1 BOG B . 6.74 5.73 -15.45
C2 BOG B . 6.82 6.20 -17.82
O2 BOG B . 7.45 4.98 -18.18
C3 BOG B . 6.84 7.28 -18.92
O3 BOG B . 5.73 7.09 -19.78
C4 BOG B . 6.95 8.75 -18.43
O4 BOG B . 7.76 9.55 -19.30
C5 BOG B . 7.44 9.02 -17.01
O5 BOG B . 7.35 7.95 -16.05
C6 BOG B . 7.05 10.41 -16.46
O6 BOG B . 5.67 10.66 -16.47
C1' BOG B . 7.57 5.71 -14.29
C2' BOG B . 7.21 4.49 -13.49
C3' BOG B . 5.77 4.61 -13.01
C4' BOG B . 5.50 3.62 -11.90
C5' BOG B . 4.03 3.63 -11.48
C6' BOG B . 3.79 2.49 -10.53
C7' BOG B . 2.35 2.41 -10.11
C8' BOG B . 2.05 1.08 -9.45
#